data_8AY8
#
_entry.id   8AY8
#
_cell.length_a   42.778
_cell.length_b   62.699
_cell.length_c   187.327
_cell.angle_alpha   90.000
_cell.angle_beta   90.000
_cell.angle_gamma   90.000
#
_symmetry.space_group_name_H-M   'P 21 21 21'
#
loop_
_entity.id
_entity.type
_entity.pdbx_description
1 polymer 'Abscisic acid receptor PYL1'
2 polymer 'Protein phosphatase 2C 16'
3 non-polymer VALINE
4 non-polymer ~{N}-[(1-ethyl-4-methyl-2-oxidanylidene-quinolin-6-yl)methyl]benzenesulfonamide
5 non-polymer GLYCEROL
6 non-polymer 'MANGANESE (II) ION'
7 non-polymer 'CHLORIDE ION'
8 water water
#
loop_
_entity_poly.entity_id
_entity_poly.type
_entity_poly.pdbx_seq_one_letter_code
_entity_poly.pdbx_strand_id
1 'polypeptide(L)'
;MNNNKAEADTSSSMADPETRPTYTTHHLAIPSGVTQDEFDELKQSVVEFHTYQLSQNQCSSLLAQRIRAPNDVVWSIVRR
FDQPQTYKHFIKSCSVSDNFTMAVGSTRDVNLISGLPAATSTERLDILDDDRQVLGISIIGGEHRLRNYRSVISVHGFNR
DGAICTVALESYVVDVPEGNTEEDTRLFADTVVKLNLQKLVSVAESQVI
;
A
2 'polypeptide(L)'
;RSVYELDCIPLWGTVSIQGNRSEMEDAFAVSPHFLKLPIKMLMGDHEGMSPSLTHLTGHFFGVYDGHGGHKVADYCRDRL
HFALAEEIERIKDELCKRNTGEGRQVQWDKVFTSCFLTVDGEIEGKIGRAVVGSSDKVLEAVASETVGSTAVVALVCSSH
IVVSNCGDSRAVLFRGKEAMPLSVDHKPDREDEYARIENAGGKVIQWQGARVFGVLAMSRSIGDRYLKPYVIPEPEVTFM
PRSREDECLILASDGLWDVMNNQEVCEIARRRILMWHKKNGAPPLAERGKGIDPACQAAADYLSMLALQKGSKDNISIIV
IDLKAQRKFKTRT
;
B
#
loop_
_chem_comp.id
_chem_comp.type
_chem_comp.name
_chem_comp.formula
CL non-polymer 'CHLORIDE ION' 'Cl -1'
GOL non-polymer GLYCEROL 'C3 H8 O3'
MN non-polymer 'MANGANESE (II) ION' 'Mn 2'
OE3 non-polymer ~{N}-[(1-ethyl-4-methyl-2-oxidanylidene-quinolin-6-yl)methyl]benzenesulfonamide 'C19 H20 N2 O3 S'
#
# COMPACT_ATOMS: atom_id res chain seq x y z
N ARG A 20 19.77 -41.61 2.94
CA ARG A 20 20.38 -40.46 3.59
C ARG A 20 19.64 -39.15 3.27
N PRO A 21 19.31 -38.38 4.30
CA PRO A 21 18.61 -37.11 4.08
C PRO A 21 19.57 -35.97 3.72
N THR A 22 18.99 -34.92 3.12
CA THR A 22 19.73 -33.75 2.68
C THR A 22 19.63 -32.64 3.73
N TYR A 23 20.76 -32.00 4.03
CA TYR A 23 20.80 -30.91 4.99
C TYR A 23 21.23 -29.62 4.31
N THR A 24 20.80 -28.50 4.88
CA THR A 24 21.30 -27.21 4.42
C THR A 24 22.79 -27.08 4.73
N THR A 25 23.44 -26.12 4.08
CA THR A 25 24.87 -25.90 4.27
C THR A 25 25.16 -24.40 4.35
N HIS A 26 24.40 -23.68 5.17
CA HIS A 26 24.63 -22.26 5.34
C HIS A 26 25.97 -21.94 6.00
N HIS A 27 26.67 -22.94 6.55
CA HIS A 27 27.97 -22.66 7.15
C HIS A 27 29.06 -22.45 6.11
N LEU A 28 28.79 -22.71 4.84
CA LEU A 28 29.80 -22.64 3.78
C LEU A 28 29.94 -21.26 3.15
N ALA A 29 29.10 -20.30 3.50
CA ALA A 29 29.25 -18.95 2.94
C ALA A 29 29.01 -17.93 4.03
N ILE A 30 29.82 -16.87 4.04
CA ILE A 30 29.63 -15.80 5.01
C ILE A 30 28.40 -15.00 4.60
N PRO A 31 27.38 -14.90 5.44
CA PRO A 31 26.20 -14.12 5.06
C PRO A 31 26.54 -12.64 4.95
N SER A 32 25.90 -11.98 4.01
CA SER A 32 26.00 -10.53 3.90
C SER A 32 25.83 -9.88 5.26
N GLY A 33 26.70 -8.91 5.56
CA GLY A 33 26.59 -8.17 6.80
C GLY A 33 27.47 -8.64 7.94
N VAL A 34 28.21 -9.74 7.75
CA VAL A 34 29.09 -10.30 8.77
C VAL A 34 30.53 -10.26 8.25
N THR A 35 31.46 -9.95 9.14
CA THR A 35 32.88 -9.93 8.77
C THR A 35 33.48 -11.34 8.83
N GLN A 36 34.62 -11.51 8.16
CA GLN A 36 35.32 -12.79 8.23
C GLN A 36 35.66 -13.18 9.66
N ASP A 37 36.17 -12.22 10.46
CA ASP A 37 36.49 -12.51 11.86
C ASP A 37 35.25 -12.92 12.65
N GLU A 38 34.14 -12.20 12.48
CA GLU A 38 32.90 -12.57 13.17
C GLU A 38 32.41 -13.95 12.75
N PHE A 39 32.55 -14.29 11.47
CA PHE A 39 32.03 -15.57 11.01
C PHE A 39 32.85 -16.74 11.54
N ASP A 40 34.13 -16.51 11.85
CA ASP A 40 34.95 -17.54 12.48
C ASP A 40 34.32 -18.04 13.76
N GLU A 41 33.60 -17.15 14.46
CA GLU A 41 32.80 -17.56 15.62
C GLU A 41 31.42 -18.03 15.19
N LEU A 42 30.73 -17.24 14.36
CA LEU A 42 29.33 -17.52 14.05
C LEU A 42 29.18 -18.79 13.23
N LYS A 43 30.22 -19.18 12.47
CA LYS A 43 30.15 -20.39 11.68
C LYS A 43 29.73 -21.59 12.53
N GLN A 44 30.19 -21.65 13.78
CA GLN A 44 29.85 -22.77 14.65
C GLN A 44 28.37 -22.72 15.04
N SER A 45 27.83 -21.53 15.28
CA SER A 45 26.41 -21.41 15.64
C SER A 45 25.50 -21.70 14.45
N VAL A 46 25.97 -21.46 13.22
CA VAL A 46 25.19 -21.87 12.06
C VAL A 46 24.98 -23.37 12.07
N VAL A 47 26.06 -24.12 12.36
CA VAL A 47 26.01 -25.58 12.47
C VAL A 47 25.05 -25.98 13.59
N GLU A 48 25.15 -25.33 14.75
CA GLU A 48 24.38 -25.73 15.92
C GLU A 48 22.88 -25.40 15.77
N PHE A 49 22.53 -24.22 15.26
CA PHE A 49 21.17 -23.72 15.31
C PHE A 49 20.49 -23.54 13.95
N HIS A 50 21.24 -23.41 12.85
CA HIS A 50 20.70 -23.00 11.56
C HIS A 50 20.97 -24.06 10.49
N THR A 51 20.92 -25.31 10.90
CA THR A 51 21.04 -26.45 9.99
C THR A 51 19.70 -27.17 9.96
N TYR A 52 19.18 -27.41 8.76
CA TYR A 52 17.89 -28.05 8.58
C TYR A 52 18.01 -29.27 7.67
N GLN A 53 17.27 -30.33 8.02
CA GLN A 53 17.04 -31.42 7.08
C GLN A 53 16.02 -30.95 6.05
N LEU A 54 16.32 -31.17 4.77
CA LEU A 54 15.50 -30.64 3.69
C LEU A 54 14.54 -31.70 3.17
N SER A 55 13.26 -31.37 3.15
CA SER A 55 12.26 -32.22 2.52
C SER A 55 12.24 -31.89 1.02
N GLN A 56 11.30 -32.47 0.29
CA GLN A 56 11.22 -32.24 -1.14
C GLN A 56 10.66 -30.85 -1.44
N ASN A 57 11.17 -30.23 -2.49
CA ASN A 57 10.68 -28.92 -2.96
C ASN A 57 10.66 -27.90 -1.82
N GLN A 58 11.76 -27.85 -1.08
CA GLN A 58 11.93 -26.86 -0.03
C GLN A 58 13.14 -25.98 -0.34
N CYS A 59 13.15 -24.78 0.23
CA CYS A 59 14.32 -23.91 0.15
C CYS A 59 14.55 -23.28 1.52
N SER A 60 15.72 -22.66 1.65
CA SER A 60 16.21 -22.25 2.95
C SER A 60 17.21 -21.14 2.75
N SER A 61 17.31 -20.26 3.74
CA SER A 61 18.14 -19.07 3.64
C SER A 61 18.64 -18.71 5.03
N LEU A 62 19.79 -18.04 5.07
CA LEU A 62 20.36 -17.53 6.31
C LEU A 62 20.66 -16.05 6.13
N LEU A 63 20.14 -15.22 7.04
CA LEU A 63 20.37 -13.79 7.02
C LEU A 63 21.02 -13.35 8.33
N ALA A 64 21.72 -12.20 8.28
CA ALA A 64 22.42 -11.69 9.45
C ALA A 64 22.20 -10.19 9.56
N GLN A 65 22.20 -9.70 10.79
CA GLN A 65 21.99 -8.28 11.01
C GLN A 65 22.77 -7.83 12.24
N ARG A 66 23.67 -6.87 12.04
CA ARG A 66 24.43 -6.27 13.13
C ARG A 66 23.57 -5.26 13.87
N ILE A 67 23.67 -5.25 15.21
CA ILE A 67 22.89 -4.37 16.07
C ILE A 67 23.82 -3.72 17.08
N ARG A 68 23.80 -2.39 17.13
CA ARG A 68 24.59 -1.63 18.10
C ARG A 68 23.88 -1.63 19.44
N ALA A 69 23.83 -2.82 20.05
CA ALA A 69 23.17 -2.99 21.34
C ALA A 69 23.70 -4.26 21.98
N PRO A 70 23.69 -4.34 23.30
CA PRO A 70 24.11 -5.58 23.97
C PRO A 70 23.16 -6.72 23.66
N ASN A 71 23.71 -7.94 23.62
CA ASN A 71 22.91 -9.08 23.21
C ASN A 71 21.78 -9.36 24.19
N ASP A 72 21.96 -9.04 25.48
CA ASP A 72 20.89 -9.22 26.45
C ASP A 72 19.69 -8.33 26.13
N VAL A 73 19.95 -7.10 25.67
CA VAL A 73 18.87 -6.19 25.27
C VAL A 73 18.14 -6.76 24.05
N VAL A 74 18.89 -7.23 23.06
CA VAL A 74 18.28 -7.76 21.84
C VAL A 74 17.47 -9.01 22.15
N TRP A 75 18.00 -9.87 23.00
CA TRP A 75 17.30 -11.12 23.32
C TRP A 75 16.04 -10.84 24.12
N SER A 76 16.06 -9.83 24.98
CA SER A 76 14.86 -9.52 25.76
C SER A 76 13.71 -9.08 24.84
N ILE A 77 14.03 -8.46 23.71
CA ILE A 77 13.01 -8.10 22.72
C ILE A 77 12.60 -9.34 21.92
N VAL A 78 13.58 -10.05 21.38
CA VAL A 78 13.32 -11.18 20.48
C VAL A 78 12.51 -12.26 21.18
N ARG A 79 12.73 -12.45 22.48
CA ARG A 79 12.16 -13.63 23.13
C ARG A 79 10.66 -13.51 23.38
N ARG A 80 10.08 -12.31 23.22
CA ARG A 80 8.66 -12.11 23.55
C ARG A 80 7.79 -12.65 22.43
N PHE A 81 7.57 -13.97 22.47
CA PHE A 81 6.70 -14.68 21.54
C PHE A 81 5.28 -14.10 21.51
N ASP A 82 4.84 -13.51 22.61
CA ASP A 82 3.53 -12.91 22.72
C ASP A 82 3.49 -11.46 22.27
N GLN A 83 4.61 -10.90 21.81
CA GLN A 83 4.60 -9.50 21.38
C GLN A 83 5.36 -9.33 20.07
N PRO A 84 5.00 -10.06 19.02
CA PRO A 84 5.75 -9.96 17.76
C PRO A 84 5.67 -8.59 17.13
N GLN A 85 4.62 -7.82 17.41
CA GLN A 85 4.46 -6.51 16.78
C GLN A 85 5.57 -5.55 17.20
N THR A 86 6.21 -5.80 18.34
CA THR A 86 7.26 -4.89 18.81
C THR A 86 8.50 -4.92 17.91
N TYR A 87 8.77 -6.02 17.21
CA TYR A 87 9.96 -6.01 16.37
C TYR A 87 9.72 -6.60 14.97
N LYS A 88 8.48 -6.80 14.56
CA LYS A 88 8.18 -7.35 13.25
C LYS A 88 7.13 -6.51 12.55
N HIS A 89 7.18 -6.52 11.21
CA HIS A 89 6.23 -5.81 10.37
C HIS A 89 5.01 -6.68 10.03
N PHE A 90 4.00 -6.03 9.45
CA PHE A 90 2.85 -6.65 8.77
C PHE A 90 1.79 -7.23 9.71
N ILE A 91 1.92 -7.08 11.03
CA ILE A 91 0.99 -7.67 11.98
C ILE A 91 -0.04 -6.63 12.39
N LYS A 92 -1.31 -6.96 12.20
CA LYS A 92 -2.40 -6.10 12.64
C LYS A 92 -2.77 -6.38 14.10
N SER A 93 -2.95 -7.65 14.44
CA SER A 93 -3.29 -8.04 15.79
C SER A 93 -2.81 -9.47 16.02
N CYS A 94 -2.66 -9.83 17.28
CA CYS A 94 -2.07 -11.11 17.68
C CYS A 94 -2.77 -11.56 18.95
N SER A 95 -3.00 -12.86 19.08
CA SER A 95 -3.59 -13.42 20.29
C SER A 95 -2.87 -14.70 20.66
N VAL A 96 -2.69 -14.94 21.95
CA VAL A 96 -1.88 -16.07 22.38
C VAL A 96 -2.77 -17.14 22.99
N SER A 97 -2.31 -18.39 22.90
CA SER A 97 -3.00 -19.51 23.54
C SER A 97 -3.14 -19.22 25.02
N ASP A 98 -4.34 -19.40 25.56
CA ASP A 98 -4.58 -18.82 26.87
C ASP A 98 -4.10 -19.76 27.97
N ASN A 99 -4.08 -19.22 29.19
CA ASN A 99 -3.21 -19.72 30.24
C ASN A 99 -1.75 -19.65 29.78
N PHE A 100 -1.43 -18.56 29.08
CA PHE A 100 -0.12 -18.39 28.45
C PHE A 100 0.96 -18.21 29.52
N THR A 101 1.98 -19.06 29.47
CA THR A 101 3.18 -18.92 30.29
C THR A 101 4.43 -18.95 29.43
N MET A 102 4.28 -18.87 28.10
CA MET A 102 5.39 -18.84 27.16
C MET A 102 6.24 -20.11 27.23
N ALA A 103 5.64 -21.22 27.63
CA ALA A 103 6.32 -22.50 27.50
C ALA A 103 6.44 -22.87 26.03
N VAL A 104 7.50 -23.62 25.70
CA VAL A 104 7.53 -24.25 24.39
C VAL A 104 6.24 -25.04 24.19
N GLY A 105 5.69 -24.95 22.98
CA GLY A 105 4.38 -25.50 22.69
C GLY A 105 3.26 -24.48 22.67
N SER A 106 3.53 -23.24 23.09
CA SER A 106 2.57 -22.15 22.95
C SER A 106 2.30 -21.89 21.47
N THR A 107 1.10 -21.37 21.20
CA THR A 107 0.75 -20.94 19.85
C THR A 107 0.23 -19.51 19.90
N ARG A 108 0.29 -18.85 18.75
CA ARG A 108 -0.31 -17.54 18.61
C ARG A 108 -1.00 -17.51 17.26
N ASP A 109 -2.12 -16.79 17.20
CA ASP A 109 -2.86 -16.55 15.97
C ASP A 109 -2.68 -15.09 15.59
N VAL A 110 -2.20 -14.85 14.38
CA VAL A 110 -1.80 -13.52 13.94
C VAL A 110 -2.73 -13.10 12.80
N ASN A 111 -3.22 -11.87 12.86
CA ASN A 111 -3.95 -11.26 11.75
C ASN A 111 -3.05 -10.23 11.09
N LEU A 112 -2.92 -10.32 9.77
CA LEU A 112 -1.97 -9.45 9.09
C LEU A 112 -2.66 -8.19 8.57
N ILE A 113 -1.85 -7.16 8.30
CA ILE A 113 -2.39 -5.96 7.69
C ILE A 113 -2.84 -6.29 6.26
N SER A 114 -3.62 -5.39 5.68
CA SER A 114 -4.18 -5.60 4.35
C SER A 114 -3.12 -5.41 3.25
N GLY A 115 -3.46 -5.93 2.07
CA GLY A 115 -2.64 -5.72 0.88
C GLY A 115 -1.49 -6.69 0.67
N LEU A 116 -1.42 -7.76 1.42
CA LEU A 116 -0.33 -8.71 1.30
C LEU A 116 -0.79 -10.02 0.68
N PRO A 117 0.13 -10.85 0.24
CA PRO A 117 -0.26 -12.18 -0.29
C PRO A 117 -0.47 -13.17 0.84
N ALA A 118 -1.09 -12.69 1.93
CA ALA A 118 -1.28 -13.44 3.16
C ALA A 118 -2.30 -12.68 4.00
N ALA A 119 -3.08 -13.40 4.79
CA ALA A 119 -4.08 -12.76 5.65
C ALA A 119 -3.94 -13.12 7.11
N THR A 120 -3.54 -14.35 7.42
CA THR A 120 -3.46 -14.81 8.80
C THR A 120 -2.35 -15.83 8.93
N SER A 121 -1.94 -16.06 10.18
CA SER A 121 -0.86 -16.97 10.48
C SER A 121 -1.11 -17.59 11.85
N THR A 122 -0.94 -18.91 11.95
CA THR A 122 -0.96 -19.64 13.21
C THR A 122 0.44 -20.22 13.42
N GLU A 123 1.03 -19.94 14.57
CA GLU A 123 2.45 -20.21 14.77
C GLU A 123 2.67 -20.85 16.13
N ARG A 124 3.66 -21.74 16.20
CA ARG A 124 3.91 -22.52 17.40
C ARG A 124 5.35 -22.26 17.87
N LEU A 125 5.51 -22.01 19.16
CA LEU A 125 6.83 -21.79 19.75
C LEU A 125 7.51 -23.15 19.92
N ASP A 126 8.59 -23.39 19.17
CA ASP A 126 9.28 -24.68 19.20
C ASP A 126 10.60 -24.68 19.96
N ILE A 127 11.26 -23.54 20.05
CA ILE A 127 12.49 -23.37 20.81
C ILE A 127 12.43 -22.02 21.51
N LEU A 128 12.68 -22.00 22.82
CA LEU A 128 12.87 -20.73 23.54
C LEU A 128 13.98 -21.00 24.57
N ASP A 129 15.21 -20.75 24.17
CA ASP A 129 16.37 -21.09 24.97
C ASP A 129 16.94 -19.80 25.52
N ASP A 130 16.63 -19.49 26.78
CA ASP A 130 17.23 -18.31 27.36
C ASP A 130 18.71 -18.50 27.64
N ASP A 131 19.18 -19.74 27.81
CA ASP A 131 20.60 -19.97 28.09
C ASP A 131 21.48 -19.69 26.88
N ARG A 132 21.01 -20.02 25.67
CA ARG A 132 21.76 -19.80 24.45
C ARG A 132 21.20 -18.65 23.60
N GLN A 133 20.06 -18.08 23.99
CA GLN A 133 19.40 -16.99 23.28
C GLN A 133 19.07 -17.40 21.85
N VAL A 134 18.18 -18.38 21.76
CA VAL A 134 17.74 -18.95 20.49
C VAL A 134 16.22 -19.08 20.54
N LEU A 135 15.55 -18.58 19.51
CA LEU A 135 14.10 -18.64 19.40
C LEU A 135 13.74 -19.37 18.11
N GLY A 136 12.92 -20.41 18.23
CA GLY A 136 12.45 -21.12 17.06
C GLY A 136 10.94 -21.20 16.96
N ILE A 137 10.39 -21.01 15.77
CA ILE A 137 8.95 -21.04 15.56
C ILE A 137 8.64 -21.84 14.31
N SER A 138 7.47 -22.50 14.31
CA SER A 138 6.96 -23.19 13.15
C SER A 138 5.59 -22.62 12.80
N ILE A 139 5.34 -22.41 11.51
CA ILE A 139 4.04 -21.94 11.05
C ILE A 139 3.16 -23.15 10.81
N ILE A 140 2.05 -23.26 11.56
CA ILE A 140 1.24 -24.47 11.54
C ILE A 140 -0.15 -24.21 10.95
N GLY A 141 -0.40 -23.03 10.40
CA GLY A 141 -1.65 -22.81 9.70
C GLY A 141 -1.75 -21.37 9.24
N GLY A 142 -2.93 -21.03 8.72
CA GLY A 142 -3.24 -19.69 8.28
C GLY A 142 -3.43 -19.60 6.77
N GLU A 143 -3.84 -18.42 6.33
CA GLU A 143 -4.07 -18.14 4.91
C GLU A 143 -2.85 -17.39 4.38
N HIS A 144 -1.99 -18.10 3.65
CA HIS A 144 -0.72 -17.56 3.16
C HIS A 144 -0.07 -18.67 2.32
N ARG A 145 1.07 -18.34 1.71
CA ARG A 145 1.74 -19.27 0.80
C ARG A 145 3.12 -19.71 1.30
N LEU A 146 3.38 -19.62 2.60
CA LEU A 146 4.63 -20.11 3.17
C LEU A 146 4.35 -21.36 4.01
N ARG A 147 4.01 -22.45 3.32
CA ARG A 147 3.63 -23.69 3.98
C ARG A 147 4.83 -24.38 4.63
N ASN A 148 4.64 -24.81 5.87
CA ASN A 148 5.67 -25.54 6.62
C ASN A 148 6.88 -24.69 6.87
N TYR A 149 6.69 -23.38 6.92
CA TYR A 149 7.75 -22.47 7.29
C TYR A 149 8.23 -22.78 8.70
N ARG A 150 9.55 -22.88 8.87
CA ARG A 150 10.21 -23.03 10.16
C ARG A 150 11.40 -22.09 10.17
N SER A 151 11.56 -21.34 11.26
CA SER A 151 12.69 -20.41 11.33
C SER A 151 13.31 -20.46 12.72
N VAL A 152 14.55 -19.99 12.78
CA VAL A 152 15.31 -19.88 14.01
C VAL A 152 16.01 -18.52 13.98
N ILE A 153 15.95 -17.80 15.09
CA ILE A 153 16.77 -16.61 15.30
C ILE A 153 17.65 -16.85 16.52
N SER A 154 18.93 -16.53 16.39
CA SER A 154 19.88 -16.64 17.50
C SER A 154 20.64 -15.33 17.64
N VAL A 155 20.94 -14.97 18.88
CA VAL A 155 21.51 -13.67 19.22
C VAL A 155 22.93 -13.90 19.72
N HIS A 156 23.88 -13.09 19.24
CA HIS A 156 25.30 -13.30 19.52
C HIS A 156 25.98 -11.99 19.84
N GLY A 157 26.53 -11.88 21.05
CA GLY A 157 27.20 -10.66 21.48
C GLY A 157 28.68 -10.64 21.13
N PHE A 158 29.19 -9.43 20.89
CA PHE A 158 30.60 -9.22 20.56
C PHE A 158 31.12 -8.01 21.32
N ASN A 159 32.36 -8.11 21.79
CA ASN A 159 33.06 -7.02 22.45
C ASN A 159 34.24 -6.61 21.57
N ARG A 160 34.26 -5.35 21.13
CA ARG A 160 35.26 -4.87 20.19
C ARG A 160 36.11 -3.82 20.88
N ASP A 161 37.05 -4.27 21.71
CA ASP A 161 37.90 -3.39 22.48
C ASP A 161 37.07 -2.26 23.09
N GLY A 162 36.16 -2.66 23.97
CA GLY A 162 35.22 -1.76 24.60
C GLY A 162 33.92 -1.59 23.84
N ALA A 163 33.93 -1.74 22.52
CA ALA A 163 32.72 -1.59 21.73
C ALA A 163 31.86 -2.85 21.82
N ILE A 164 30.58 -2.68 22.10
CA ILE A 164 29.66 -3.78 22.32
C ILE A 164 28.58 -3.74 21.25
N CYS A 165 28.40 -4.85 20.56
CA CYS A 165 27.34 -4.98 19.59
C CYS A 165 26.82 -6.40 19.62
N THR A 166 25.84 -6.65 18.77
CA THR A 166 25.19 -7.93 18.63
C THR A 166 25.10 -8.24 17.15
N VAL A 167 25.18 -9.53 16.82
CA VAL A 167 24.81 -10.02 15.49
C VAL A 167 23.65 -10.97 15.69
N ALA A 168 22.55 -10.71 15.01
CA ALA A 168 21.42 -11.63 14.99
C ALA A 168 21.50 -12.46 13.72
N LEU A 169 21.30 -13.76 13.85
CA LEU A 169 21.25 -14.68 12.72
C LEU A 169 19.83 -15.22 12.64
N GLU A 170 19.23 -15.15 11.47
CA GLU A 170 17.90 -15.69 11.26
C GLU A 170 17.92 -16.54 10.01
N SER A 171 17.46 -17.78 10.13
CA SER A 171 17.30 -18.66 8.99
C SER A 171 15.88 -19.18 8.95
N TYR A 172 15.50 -19.76 7.81
CA TYR A 172 14.21 -20.40 7.67
C TYR A 172 14.36 -21.53 6.68
N VAL A 173 13.41 -22.46 6.74
CA VAL A 173 13.15 -23.43 5.70
C VAL A 173 11.66 -23.41 5.42
N VAL A 174 11.28 -23.56 4.16
CA VAL A 174 9.87 -23.46 3.79
C VAL A 174 9.65 -24.23 2.51
N ASP A 175 8.42 -24.73 2.33
CA ASP A 175 8.00 -25.33 1.07
C ASP A 175 7.97 -24.29 -0.04
N VAL A 176 8.40 -24.69 -1.23
CA VAL A 176 8.26 -23.84 -2.41
C VAL A 176 6.83 -24.00 -2.92
N PRO A 177 6.00 -22.97 -2.93
CA PRO A 177 4.59 -23.16 -3.31
C PRO A 177 4.45 -23.47 -4.79
N GLU A 178 3.35 -24.16 -5.11
CA GLU A 178 3.09 -24.56 -6.47
C GLU A 178 3.01 -23.33 -7.37
N GLY A 179 3.67 -23.40 -8.54
CA GLY A 179 3.71 -22.32 -9.49
C GLY A 179 4.89 -21.38 -9.34
N ASN A 180 5.69 -21.51 -8.28
CA ASN A 180 6.82 -20.63 -8.04
C ASN A 180 8.13 -21.42 -8.05
N THR A 181 9.23 -20.69 -8.22
CA THR A 181 10.57 -21.25 -8.13
C THR A 181 11.15 -21.04 -6.74
N GLU A 182 12.23 -21.77 -6.46
CA GLU A 182 13.00 -21.53 -5.24
C GLU A 182 13.53 -20.11 -5.21
N GLU A 183 13.93 -19.59 -6.37
CA GLU A 183 14.46 -18.24 -6.41
C GLU A 183 13.38 -17.22 -6.05
N ASP A 184 12.17 -17.38 -6.61
CA ASP A 184 11.05 -16.52 -6.23
C ASP A 184 10.79 -16.57 -4.73
N THR A 185 10.78 -17.80 -4.18
CA THR A 185 10.45 -17.99 -2.77
C THR A 185 11.49 -17.36 -1.85
N ARG A 186 12.78 -17.55 -2.17
CA ARG A 186 13.83 -17.00 -1.34
C ARG A 186 13.83 -15.47 -1.40
N LEU A 187 13.61 -14.91 -2.59
CA LEU A 187 13.54 -13.45 -2.71
C LEU A 187 12.43 -12.89 -1.84
N PHE A 188 11.24 -13.50 -1.90
CA PHE A 188 10.13 -13.06 -1.06
C PHE A 188 10.45 -13.24 0.43
N ALA A 189 10.75 -14.47 0.85
CA ALA A 189 10.98 -14.68 2.28
C ALA A 189 12.19 -13.89 2.78
N ASP A 190 13.27 -13.81 1.99
CA ASP A 190 14.43 -13.01 2.40
C ASP A 190 14.05 -11.56 2.61
N THR A 191 13.21 -11.01 1.70
CA THR A 191 12.79 -9.62 1.83
C THR A 191 12.09 -9.39 3.16
N VAL A 192 11.17 -10.27 3.53
CA VAL A 192 10.45 -10.12 4.78
C VAL A 192 11.39 -10.26 5.98
N VAL A 193 12.28 -11.25 5.95
CA VAL A 193 13.21 -11.40 7.09
C VAL A 193 14.09 -10.17 7.23
N LYS A 194 14.66 -9.69 6.13
CA LYS A 194 15.51 -8.51 6.18
C LYS A 194 14.76 -7.29 6.73
N LEU A 195 13.52 -7.07 6.27
CA LEU A 195 12.75 -5.93 6.79
C LEU A 195 12.55 -6.04 8.28
N ASN A 196 12.24 -7.25 8.76
CA ASN A 196 12.03 -7.44 10.19
C ASN A 196 13.33 -7.28 10.98
N LEU A 197 14.45 -7.74 10.44
CA LEU A 197 15.72 -7.53 11.12
C LEU A 197 16.05 -6.05 11.20
N GLN A 198 15.65 -5.27 10.18
CA GLN A 198 15.87 -3.81 10.21
C GLN A 198 15.01 -3.14 11.28
N LYS A 199 13.78 -3.63 11.48
CA LYS A 199 12.97 -3.08 12.56
C LYS A 199 13.57 -3.41 13.91
N LEU A 200 13.99 -4.66 14.09
CA LEU A 200 14.67 -5.07 15.32
C LEU A 200 15.86 -4.16 15.63
N VAL A 201 16.66 -3.81 14.61
CA VAL A 201 17.76 -2.87 14.82
C VAL A 201 17.24 -1.59 15.48
N SER A 202 16.24 -0.98 14.85
CA SER A 202 15.71 0.29 15.34
C SER A 202 15.20 0.16 16.77
N VAL A 203 14.44 -0.89 17.06
CA VAL A 203 13.87 -1.05 18.39
C VAL A 203 14.98 -1.27 19.42
N ALA A 204 15.92 -2.16 19.11
CA ALA A 204 16.96 -2.49 20.07
C ALA A 204 17.87 -1.31 20.33
N GLU A 205 18.32 -0.64 19.27
CA GLU A 205 19.30 0.43 19.42
C GLU A 205 18.71 1.65 20.12
N SER A 206 17.39 1.83 20.07
CA SER A 206 16.74 2.92 20.77
C SER A 206 16.55 2.66 22.26
N GLN A 207 16.82 1.45 22.76
CA GLN A 207 16.58 1.13 24.17
C GLN A 207 17.80 1.35 25.06
N CYS B 8 -20.83 26.46 -14.33
CA CYS B 8 -20.27 25.18 -13.92
C CYS B 8 -20.76 24.79 -12.52
N ILE B 9 -22.03 24.40 -12.43
CA ILE B 9 -22.64 23.90 -11.20
C ILE B 9 -22.18 22.46 -10.99
N PRO B 10 -21.52 22.15 -9.87
CA PRO B 10 -20.99 20.81 -9.65
C PRO B 10 -22.11 19.84 -9.27
N LEU B 11 -22.26 18.78 -10.05
CA LEU B 11 -23.25 17.72 -9.84
C LEU B 11 -22.51 16.43 -9.54
N TRP B 12 -22.66 15.90 -8.33
CA TRP B 12 -21.96 14.68 -7.97
C TRP B 12 -22.75 13.87 -6.94
N GLY B 13 -22.41 12.59 -6.82
CA GLY B 13 -22.89 11.76 -5.74
C GLY B 13 -21.78 10.81 -5.33
N THR B 14 -21.91 10.22 -4.15
CA THR B 14 -20.83 9.40 -3.61
C THR B 14 -21.37 8.26 -2.77
N VAL B 15 -20.64 7.14 -2.80
CA VAL B 15 -20.84 6.02 -1.90
C VAL B 15 -19.45 5.47 -1.52
N SER B 16 -19.26 5.11 -0.26
CA SER B 16 -17.97 4.60 0.20
C SER B 16 -18.30 3.54 1.23
N ILE B 17 -18.17 2.28 0.85
CA ILE B 17 -18.56 1.19 1.73
C ILE B 17 -17.37 0.30 2.04
N GLN B 18 -17.45 -0.32 3.21
CA GLN B 18 -16.44 -1.22 3.72
C GLN B 18 -16.61 -2.63 3.15
N GLY B 19 -17.86 -3.07 3.02
CA GLY B 19 -18.09 -4.36 2.42
C GLY B 19 -17.63 -5.47 3.33
N ASN B 20 -17.17 -6.55 2.72
CA ASN B 20 -16.85 -7.74 3.48
C ASN B 20 -15.49 -7.70 4.19
N ARG B 21 -14.83 -6.56 4.25
CA ARG B 21 -13.52 -6.42 4.84
C ARG B 21 -13.59 -6.10 6.33
N SER B 22 -12.56 -6.56 7.05
CA SER B 22 -12.51 -6.29 8.49
C SER B 22 -12.25 -4.82 8.78
N GLU B 23 -11.65 -4.07 7.85
CA GLU B 23 -11.33 -2.66 8.06
C GLU B 23 -11.83 -1.85 6.87
N MET B 24 -12.10 -0.56 7.12
CA MET B 24 -12.36 0.43 6.09
C MET B 24 -11.07 1.21 5.84
N GLU B 25 -10.50 1.05 4.65
CA GLU B 25 -9.25 1.74 4.31
C GLU B 25 -9.39 2.60 3.07
N ASP B 26 -10.59 2.67 2.49
CA ASP B 26 -10.87 3.65 1.44
C ASP B 26 -11.18 5.00 2.08
N ALA B 27 -10.80 6.09 1.39
CA ALA B 27 -11.23 7.41 1.81
C ALA B 27 -11.54 8.22 0.55
N PHE B 28 -12.27 9.31 0.73
CA PHE B 28 -12.52 10.17 -0.43
C PHE B 28 -12.68 11.61 0.04
N ALA B 29 -12.50 12.53 -0.90
CA ALA B 29 -12.71 13.94 -0.63
C ALA B 29 -13.47 14.58 -1.79
N VAL B 30 -14.44 15.42 -1.46
CA VAL B 30 -15.11 16.27 -2.43
C VAL B 30 -15.07 17.69 -1.92
N SER B 31 -14.49 18.60 -2.70
CA SER B 31 -14.42 20.02 -2.34
C SER B 31 -14.91 20.83 -3.52
N PRO B 32 -16.20 21.14 -3.58
CA PRO B 32 -16.71 21.97 -4.68
C PRO B 32 -16.32 23.42 -4.50
N HIS B 33 -16.17 24.13 -5.61
CA HIS B 33 -15.82 25.56 -5.58
C HIS B 33 -14.51 25.79 -4.83
N PHE B 34 -13.60 24.84 -4.95
CA PHE B 34 -12.41 24.84 -4.10
C PHE B 34 -11.36 25.84 -4.57
N LEU B 35 -11.09 25.91 -5.86
CA LEU B 35 -9.98 26.69 -6.40
C LEU B 35 -10.48 27.74 -7.38
N LYS B 36 -9.91 28.94 -7.30
CA LYS B 36 -10.08 29.95 -8.34
C LYS B 36 -8.84 29.84 -9.22
N LEU B 37 -8.95 29.03 -10.28
CA LEU B 37 -7.82 28.79 -11.16
C LEU B 37 -7.64 29.98 -12.11
N PRO B 38 -6.43 30.51 -12.24
CA PRO B 38 -6.21 31.60 -13.21
C PRO B 38 -6.49 31.09 -14.62
N ILE B 39 -7.20 31.91 -15.40
CA ILE B 39 -7.65 31.47 -16.71
C ILE B 39 -6.49 31.17 -17.65
N LYS B 40 -5.34 31.80 -17.44
CA LYS B 40 -4.18 31.50 -18.28
C LYS B 40 -3.70 30.07 -18.08
N MET B 41 -4.00 29.44 -16.94
CA MET B 41 -3.62 28.05 -16.74
C MET B 41 -4.47 27.09 -17.56
N LEU B 42 -5.57 27.56 -18.13
CA LEU B 42 -6.50 26.70 -18.85
C LEU B 42 -6.55 26.98 -20.35
N MET B 43 -6.53 28.24 -20.76
CA MET B 43 -6.61 28.55 -22.19
C MET B 43 -5.80 29.78 -22.57
N THR B 54 -9.35 36.82 -15.75
CA THR B 54 -10.43 36.29 -14.90
C THR B 54 -9.99 34.99 -14.23
N HIS B 55 -10.97 34.20 -13.80
CA HIS B 55 -10.67 32.92 -13.18
C HIS B 55 -11.79 31.95 -13.51
N LEU B 56 -11.49 30.66 -13.35
CA LEU B 56 -12.50 29.61 -13.41
C LEU B 56 -12.49 28.85 -12.10
N THR B 57 -13.68 28.64 -11.54
CA THR B 57 -13.79 27.86 -10.33
C THR B 57 -13.49 26.39 -10.64
N GLY B 58 -12.64 25.79 -9.83
CA GLY B 58 -12.29 24.38 -9.97
C GLY B 58 -12.90 23.60 -8.82
N HIS B 59 -13.46 22.44 -9.14
CA HIS B 59 -14.05 21.54 -8.16
C HIS B 59 -13.13 20.34 -7.99
N PHE B 60 -12.88 19.94 -6.75
CA PHE B 60 -11.91 18.90 -6.45
C PHE B 60 -12.60 17.62 -6.03
N PHE B 61 -12.20 16.51 -6.63
CA PHE B 61 -12.70 15.18 -6.30
C PHE B 61 -11.52 14.23 -6.11
N GLY B 62 -11.55 13.41 -5.07
CA GLY B 62 -10.42 12.53 -4.78
C GLY B 62 -10.87 11.21 -4.18
N VAL B 63 -10.30 10.10 -4.65
CA VAL B 63 -10.55 8.77 -4.08
C VAL B 63 -9.21 8.15 -3.68
N TYR B 64 -9.14 7.57 -2.48
CA TYR B 64 -7.87 7.11 -1.91
C TYR B 64 -8.07 5.71 -1.35
N ASP B 65 -7.47 4.71 -1.99
CA ASP B 65 -7.65 3.30 -1.62
C ASP B 65 -6.43 2.90 -0.79
N GLY B 66 -6.60 2.86 0.53
CA GLY B 66 -5.48 2.56 1.41
C GLY B 66 -5.12 1.08 1.44
N HIS B 67 -3.87 0.81 1.75
CA HIS B 67 -3.44 -0.57 1.96
C HIS B 67 -2.45 -0.61 3.10
N GLY B 68 -2.46 -1.73 3.84
CA GLY B 68 -1.66 -1.83 5.03
C GLY B 68 -2.18 -1.08 6.23
N GLY B 69 -3.30 -0.38 6.08
CA GLY B 69 -3.82 0.47 7.14
C GLY B 69 -4.61 1.59 6.51
N HIS B 70 -5.23 2.41 7.38
CA HIS B 70 -6.10 3.48 6.90
C HIS B 70 -5.48 4.87 7.00
N LYS B 71 -4.34 5.02 7.69
CA LYS B 71 -3.90 6.35 8.04
C LYS B 71 -3.38 7.14 6.84
N VAL B 72 -2.81 6.47 5.85
CA VAL B 72 -2.34 7.22 4.67
C VAL B 72 -3.52 7.69 3.83
N ALA B 73 -4.49 6.81 3.57
CA ALA B 73 -5.67 7.25 2.82
C ALA B 73 -6.40 8.37 3.54
N ASP B 74 -6.52 8.27 4.87
CA ASP B 74 -7.14 9.34 5.64
C ASP B 74 -6.35 10.64 5.52
N TYR B 75 -5.02 10.54 5.52
CA TYR B 75 -4.22 11.76 5.44
C TYR B 75 -4.39 12.41 4.08
N CYS B 76 -4.40 11.63 3.00
CA CYS B 76 -4.70 12.19 1.68
C CYS B 76 -6.06 12.89 1.67
N ARG B 77 -7.07 12.26 2.24
CA ARG B 77 -8.40 12.87 2.27
C ARG B 77 -8.37 14.22 2.99
N ASP B 78 -7.53 14.34 4.03
CA ASP B 78 -7.54 15.58 4.80
C ASP B 78 -6.61 16.64 4.23
N ARG B 79 -5.59 16.24 3.47
CA ARG B 79 -4.46 17.11 3.13
C ARG B 79 -4.26 17.35 1.63
N LEU B 80 -4.56 16.37 0.77
CA LEU B 80 -4.03 16.44 -0.60
C LEU B 80 -4.51 17.68 -1.34
N HIS B 81 -5.80 18.01 -1.25
CA HIS B 81 -6.28 19.16 -2.01
C HIS B 81 -5.72 20.47 -1.47
N PHE B 82 -5.37 20.53 -0.18
CA PHE B 82 -4.69 21.73 0.32
C PHE B 82 -3.26 21.80 -0.18
N ALA B 83 -2.58 20.65 -0.32
CA ALA B 83 -1.25 20.67 -0.92
C ALA B 83 -1.32 21.15 -2.36
N LEU B 84 -2.37 20.77 -3.07
CA LEU B 84 -2.56 21.23 -4.44
C LEU B 84 -2.80 22.73 -4.49
N ALA B 85 -3.66 23.25 -3.61
CA ALA B 85 -3.92 24.68 -3.58
C ALA B 85 -2.66 25.46 -3.28
N GLU B 86 -1.81 24.94 -2.40
CA GLU B 86 -0.55 25.61 -2.10
C GLU B 86 0.36 25.67 -3.33
N GLU B 87 0.39 24.60 -4.12
CA GLU B 87 1.21 24.59 -5.32
C GLU B 87 0.69 25.58 -6.36
N ILE B 88 -0.63 25.67 -6.50
CA ILE B 88 -1.20 26.63 -7.45
C ILE B 88 -0.95 28.06 -6.95
N GLU B 89 -1.03 28.26 -5.64
CA GLU B 89 -0.78 29.58 -5.08
C GLU B 89 0.64 30.05 -5.40
N ARG B 90 1.61 29.14 -5.39
CA ARG B 90 2.95 29.50 -5.82
C ARG B 90 2.92 30.01 -7.26
N ILE B 91 2.34 29.23 -8.17
CA ILE B 91 2.31 29.62 -9.57
C ILE B 91 1.59 30.95 -9.75
N LYS B 92 0.57 31.22 -8.94
CA LYS B 92 -0.10 32.51 -8.98
C LYS B 92 0.82 33.64 -8.54
N ASP B 93 1.60 33.41 -7.47
CA ASP B 93 2.59 34.40 -7.07
C ASP B 93 3.61 34.67 -8.18
N GLU B 94 3.92 33.64 -8.98
CA GLU B 94 4.86 33.83 -10.07
C GLU B 94 4.22 34.53 -11.26
N LEU B 95 3.09 34.02 -11.72
CA LEU B 95 2.38 34.63 -12.84
C LEU B 95 1.83 36.01 -12.44
N GLY B 103 4.01 25.28 -21.78
CA GLY B 103 2.90 24.43 -22.21
C GLY B 103 1.97 24.08 -21.07
N ARG B 104 0.67 24.14 -21.32
CA ARG B 104 -0.31 23.89 -20.27
C ARG B 104 -0.31 22.43 -19.84
N GLN B 105 -0.05 21.51 -20.77
CA GLN B 105 0.08 20.11 -20.39
C GLN B 105 1.25 19.89 -19.45
N VAL B 106 2.32 20.69 -19.62
CA VAL B 106 3.53 20.53 -18.80
C VAL B 106 3.38 21.23 -17.45
N GLN B 107 2.70 22.38 -17.42
CA GLN B 107 2.42 23.04 -16.14
C GLN B 107 1.63 22.12 -15.21
N TRP B 108 0.57 21.50 -15.72
CA TRP B 108 -0.27 20.71 -14.83
C TRP B 108 0.45 19.45 -14.35
N ASP B 109 1.27 18.83 -15.18
CA ASP B 109 1.95 17.65 -14.66
C ASP B 109 2.99 18.03 -13.61
N LYS B 110 3.60 19.21 -13.72
CA LYS B 110 4.51 19.69 -12.68
C LYS B 110 3.76 20.01 -11.39
N VAL B 111 2.59 20.63 -11.51
CA VAL B 111 1.80 21.00 -10.34
C VAL B 111 1.35 19.76 -9.58
N PHE B 112 0.90 18.74 -10.31
CA PHE B 112 0.40 17.55 -9.63
C PHE B 112 1.53 16.63 -9.17
N THR B 113 2.61 16.57 -9.94
CA THR B 113 3.78 15.82 -9.47
C THR B 113 4.32 16.42 -8.18
N SER B 114 4.49 17.74 -8.15
CA SER B 114 4.94 18.39 -6.93
C SER B 114 3.97 18.14 -5.77
N CYS B 115 2.66 18.16 -6.05
CA CYS B 115 1.67 17.94 -5.00
C CYS B 115 1.76 16.51 -4.45
N PHE B 116 1.81 15.51 -5.33
CA PHE B 116 1.87 14.13 -4.86
C PHE B 116 3.18 13.85 -4.13
N LEU B 117 4.28 14.41 -4.62
CA LEU B 117 5.57 14.20 -3.97
C LEU B 117 5.61 14.86 -2.60
N THR B 118 4.99 16.04 -2.47
CA THR B 118 4.93 16.71 -1.17
C THR B 118 4.16 15.89 -0.14
N VAL B 119 2.99 15.36 -0.54
CA VAL B 119 2.21 14.56 0.41
C VAL B 119 2.95 13.29 0.77
N ASP B 120 3.55 12.62 -0.22
CA ASP B 120 4.31 11.41 0.05
C ASP B 120 5.44 11.69 1.04
N GLY B 121 6.13 12.82 0.87
CA GLY B 121 7.21 13.16 1.77
C GLY B 121 6.74 13.48 3.17
N GLU B 122 5.60 14.19 3.28
CA GLU B 122 5.00 14.44 4.60
C GLU B 122 4.65 13.14 5.30
N ILE B 123 4.03 12.21 4.58
CA ILE B 123 3.61 10.94 5.18
C ILE B 123 4.81 10.14 5.67
N GLU B 124 5.90 10.16 4.91
CA GLU B 124 7.10 9.39 5.23
C GLU B 124 7.93 10.01 6.35
N GLY B 125 7.57 11.21 6.80
CA GLY B 125 8.33 11.87 7.85
C GLY B 125 9.57 12.59 7.38
N LYS B 126 9.68 12.88 6.08
CA LYS B 126 10.86 13.51 5.52
C LYS B 126 10.60 14.95 5.08
N ILE B 127 9.34 15.38 5.05
CA ILE B 127 8.94 16.76 4.80
C ILE B 127 8.16 17.26 6.00
N GLY B 128 8.48 18.46 6.45
CA GLY B 128 7.79 19.00 7.61
C GLY B 128 6.37 19.40 7.27
N ARG B 129 5.46 19.16 8.21
CA ARG B 129 4.06 19.56 8.07
C ARG B 129 3.66 20.36 9.29
N ALA B 130 2.77 21.33 9.08
CA ALA B 130 2.45 22.28 10.15
C ALA B 130 1.18 21.90 10.89
N ASP B 136 5.47 26.63 13.83
CA ASP B 136 6.50 25.63 13.55
C ASP B 136 5.93 24.42 12.78
N LYS B 137 6.82 23.53 12.36
CA LYS B 137 6.45 22.38 11.55
C LYS B 137 6.86 21.09 12.24
N VAL B 138 6.09 20.04 12.01
CA VAL B 138 6.32 18.72 12.58
C VAL B 138 6.93 17.84 11.49
N LEU B 139 8.07 17.23 11.78
CA LEU B 139 8.72 16.28 10.89
C LEU B 139 8.51 14.89 11.48
N GLU B 140 7.40 14.25 11.08
CA GLU B 140 6.93 13.04 11.74
C GLU B 140 6.17 12.16 10.76
N ALA B 141 6.51 10.87 10.73
CA ALA B 141 5.80 9.96 9.84
C ALA B 141 4.34 9.85 10.24
N VAL B 142 3.46 9.87 9.24
CA VAL B 142 2.02 9.87 9.50
C VAL B 142 1.55 8.46 9.89
N ALA B 143 2.17 7.44 9.32
CA ALA B 143 1.76 6.06 9.56
C ALA B 143 3.01 5.19 9.62
N SER B 144 2.82 3.91 9.89
CA SER B 144 3.99 3.04 9.86
C SER B 144 4.47 2.90 8.41
N GLU B 145 5.69 2.40 8.25
CA GLU B 145 6.28 2.44 6.93
C GLU B 145 5.71 1.41 5.97
N THR B 146 4.79 0.56 6.42
CA THR B 146 4.15 -0.40 5.53
C THR B 146 2.74 0.01 5.14
N VAL B 147 2.38 1.28 5.34
CA VAL B 147 1.06 1.79 4.98
C VAL B 147 1.19 2.68 3.75
N GLY B 148 0.24 2.54 2.82
CA GLY B 148 0.20 3.46 1.71
C GLY B 148 -1.21 3.65 1.18
N SER B 149 -1.33 4.31 0.03
CA SER B 149 -2.65 4.50 -0.54
C SER B 149 -2.47 4.78 -2.02
N THR B 150 -3.48 4.39 -2.81
CA THR B 150 -3.63 4.97 -4.14
C THR B 150 -4.14 6.40 -4.01
N ALA B 151 -4.01 7.14 -5.11
CA ALA B 151 -4.71 8.42 -5.19
C ALA B 151 -5.16 8.59 -6.63
N VAL B 152 -6.45 8.85 -6.84
CA VAL B 152 -6.92 9.37 -8.12
C VAL B 152 -7.71 10.63 -7.83
N VAL B 153 -7.33 11.73 -8.47
CA VAL B 153 -7.95 13.01 -8.19
C VAL B 153 -8.37 13.64 -9.51
N ALA B 154 -9.46 14.40 -9.47
CA ALA B 154 -9.92 15.13 -10.64
C ALA B 154 -10.18 16.58 -10.27
N LEU B 155 -9.68 17.49 -11.10
CA LEU B 155 -10.08 18.88 -11.04
C LEU B 155 -11.02 19.12 -12.22
N VAL B 156 -12.22 19.61 -11.94
CA VAL B 156 -13.20 19.89 -12.98
C VAL B 156 -13.53 21.37 -12.96
N CYS B 157 -13.45 22.00 -14.14
CA CYS B 157 -13.97 23.34 -14.30
C CYS B 157 -14.78 23.33 -15.59
N SER B 158 -15.33 24.50 -15.96
CA SER B 158 -16.22 24.50 -17.11
C SER B 158 -15.50 24.18 -18.42
N SER B 159 -14.20 24.46 -18.51
CA SER B 159 -13.49 24.26 -19.76
C SER B 159 -12.68 22.97 -19.82
N HIS B 160 -12.27 22.40 -18.69
CA HIS B 160 -11.29 21.33 -18.69
C HIS B 160 -11.51 20.39 -17.51
N ILE B 161 -10.96 19.18 -17.66
CA ILE B 161 -10.81 18.21 -16.59
C ILE B 161 -9.34 17.85 -16.50
N VAL B 162 -8.79 17.91 -15.30
CA VAL B 162 -7.40 17.50 -15.05
C VAL B 162 -7.48 16.31 -14.10
N VAL B 163 -6.88 15.20 -14.49
CA VAL B 163 -6.85 13.99 -13.68
C VAL B 163 -5.40 13.62 -13.35
N SER B 164 -5.14 13.32 -12.09
CA SER B 164 -3.82 12.88 -11.66
C SER B 164 -3.99 11.57 -10.94
N ASN B 165 -3.23 10.55 -11.34
CA ASN B 165 -3.43 9.20 -10.81
C ASN B 165 -2.12 8.57 -10.38
N CYS B 166 -2.17 7.91 -9.23
CA CYS B 166 -1.08 7.16 -8.66
C CYS B 166 -1.68 5.89 -8.04
N GLY B 167 -1.46 4.75 -8.71
CA GLY B 167 -1.98 3.47 -8.23
C GLY B 167 -3.00 2.86 -9.20
N ASP B 168 -3.91 2.03 -8.64
CA ASP B 168 -4.90 1.34 -9.46
C ASP B 168 -6.34 1.74 -9.14
N SER B 169 -6.54 2.87 -8.48
CA SER B 169 -7.85 3.50 -8.58
C SER B 169 -7.92 4.19 -9.94
N ARG B 170 -9.12 4.47 -10.38
CA ARG B 170 -9.28 4.81 -11.79
C ARG B 170 -10.29 5.94 -11.96
N ALA B 171 -10.04 6.80 -12.95
CA ALA B 171 -10.98 7.82 -13.39
C ALA B 171 -11.38 7.51 -14.82
N VAL B 172 -12.68 7.43 -15.08
CA VAL B 172 -13.19 7.11 -16.42
C VAL B 172 -14.15 8.19 -16.88
N LEU B 173 -13.88 8.78 -18.04
CA LEU B 173 -14.76 9.77 -18.66
C LEU B 173 -15.66 9.09 -19.69
N PHE B 174 -16.97 9.37 -19.60
CA PHE B 174 -17.92 8.88 -20.60
C PHE B 174 -18.19 10.03 -21.57
N ARG B 175 -17.77 9.87 -22.83
CA ARG B 175 -17.94 10.89 -23.86
C ARG B 175 -18.64 10.30 -25.08
N GLY B 176 -19.75 10.90 -25.47
CA GLY B 176 -20.60 10.29 -26.48
C GLY B 176 -21.04 8.93 -25.97
N LYS B 177 -20.68 7.88 -26.70
CA LYS B 177 -20.99 6.53 -26.26
C LYS B 177 -19.72 5.75 -25.89
N GLU B 178 -18.61 6.43 -25.63
CA GLU B 178 -17.33 5.77 -25.40
C GLU B 178 -16.81 6.07 -24.00
N ALA B 179 -16.56 5.02 -23.23
CA ALA B 179 -15.83 5.18 -21.97
C ALA B 179 -14.36 5.39 -22.27
N MET B 180 -13.78 6.41 -21.65
CA MET B 180 -12.39 6.79 -21.88
C MET B 180 -11.69 6.83 -20.55
N PRO B 181 -10.85 5.85 -20.22
CA PRO B 181 -10.07 5.95 -18.98
C PRO B 181 -9.12 7.13 -19.04
N LEU B 182 -9.10 7.92 -17.97
CA LEU B 182 -8.20 9.06 -17.86
C LEU B 182 -7.00 8.76 -16.97
N SER B 183 -6.91 7.52 -16.49
CA SER B 183 -5.81 7.04 -15.70
C SER B 183 -5.37 5.70 -16.28
N VAL B 184 -4.17 5.26 -15.93
CA VAL B 184 -3.71 3.91 -16.24
C VAL B 184 -3.30 3.26 -14.93
N ASP B 185 -3.70 1.99 -14.74
CA ASP B 185 -3.40 1.31 -13.49
C ASP B 185 -1.90 1.08 -13.35
N HIS B 186 -1.34 1.53 -12.24
CA HIS B 186 0.08 1.32 -11.94
C HIS B 186 0.28 -0.04 -11.29
N LYS B 187 0.34 -1.07 -12.13
CA LYS B 187 0.54 -2.45 -11.68
C LYS B 187 1.95 -2.91 -12.04
N PRO B 188 2.61 -3.70 -11.17
CA PRO B 188 4.01 -4.07 -11.43
C PRO B 188 4.22 -4.87 -12.69
N ASP B 189 3.17 -5.46 -13.24
CA ASP B 189 3.36 -6.26 -14.45
C ASP B 189 3.19 -5.46 -15.73
N ARG B 190 2.74 -4.21 -15.64
CA ARG B 190 2.69 -3.35 -16.81
C ARG B 190 4.10 -3.22 -17.38
N GLU B 191 4.22 -3.35 -18.71
CA GLU B 191 5.55 -3.48 -19.32
C GLU B 191 6.47 -2.35 -18.88
N ASP B 192 6.01 -1.11 -18.97
CA ASP B 192 6.87 0.03 -18.65
C ASP B 192 7.21 0.09 -17.16
N GLU B 193 6.25 -0.25 -16.30
CA GLU B 193 6.50 -0.23 -14.86
C GLU B 193 7.42 -1.37 -14.44
N TYR B 194 7.25 -2.54 -15.02
CA TYR B 194 8.14 -3.66 -14.76
C TYR B 194 9.59 -3.27 -15.10
N ALA B 195 9.77 -2.63 -16.26
CA ALA B 195 11.11 -2.21 -16.65
C ALA B 195 11.63 -1.11 -15.74
N ARG B 196 10.77 -0.19 -15.31
CA ARG B 196 11.22 0.89 -14.44
C ARG B 196 11.67 0.35 -13.09
N ILE B 197 10.92 -0.61 -12.54
CA ILE B 197 11.24 -1.18 -11.23
C ILE B 197 12.56 -1.92 -11.30
N GLU B 198 12.75 -2.76 -12.32
CA GLU B 198 14.01 -3.48 -12.44
C GLU B 198 15.17 -2.56 -12.82
N ASN B 199 14.93 -1.47 -13.53
CA ASN B 199 16.04 -0.55 -13.75
C ASN B 199 16.42 0.18 -12.47
N ALA B 200 15.49 0.29 -11.52
CA ALA B 200 15.77 0.86 -10.21
C ALA B 200 16.43 -0.14 -9.26
N GLY B 201 16.65 -1.38 -9.70
CA GLY B 201 17.20 -2.41 -8.85
C GLY B 201 16.17 -3.32 -8.20
N GLY B 202 14.88 -3.10 -8.45
CA GLY B 202 13.84 -3.88 -7.81
C GLY B 202 13.62 -5.20 -8.51
N LYS B 203 12.73 -6.00 -7.94
CA LYS B 203 12.28 -7.26 -8.52
C LYS B 203 10.77 -7.33 -8.46
N VAL B 204 10.16 -7.90 -9.50
CA VAL B 204 8.73 -8.19 -9.53
C VAL B 204 8.58 -9.70 -9.63
N ILE B 205 7.81 -10.28 -8.71
CA ILE B 205 7.56 -11.71 -8.79
C ILE B 205 6.07 -11.98 -8.76
N GLN B 206 5.68 -13.10 -9.39
CA GLN B 206 4.30 -13.58 -9.42
C GLN B 206 4.02 -14.34 -8.14
N TRP B 207 3.31 -13.71 -7.22
CA TRP B 207 3.11 -14.28 -5.90
C TRP B 207 1.72 -13.83 -5.45
N GLN B 208 0.70 -14.61 -5.85
CA GLN B 208 -0.68 -14.17 -5.76
C GLN B 208 -0.84 -12.82 -6.46
N GLY B 209 -0.50 -12.81 -7.75
CA GLY B 209 -0.44 -11.60 -8.53
C GLY B 209 0.98 -11.05 -8.61
N ALA B 210 1.21 -10.22 -9.62
CA ALA B 210 2.50 -9.56 -9.75
C ALA B 210 2.69 -8.57 -8.60
N ARG B 211 3.82 -8.68 -7.89
CA ARG B 211 4.06 -7.91 -6.69
C ARG B 211 5.52 -7.47 -6.61
N VAL B 212 5.75 -6.25 -6.15
CA VAL B 212 7.10 -5.75 -5.93
C VAL B 212 7.73 -6.52 -4.78
N PHE B 213 8.83 -7.23 -5.08
CA PHE B 213 9.46 -8.17 -4.16
C PHE B 213 8.47 -9.18 -3.58
N GLY B 214 7.37 -9.42 -4.30
CA GLY B 214 6.37 -10.37 -3.86
C GLY B 214 5.43 -9.86 -2.79
N VAL B 215 5.54 -8.58 -2.43
CA VAL B 215 4.78 -8.02 -1.32
C VAL B 215 3.64 -7.15 -1.82
N LEU B 216 3.95 -6.09 -2.57
CA LEU B 216 2.99 -5.05 -2.90
C LEU B 216 2.50 -5.19 -4.35
N ALA B 217 1.19 -5.32 -4.53
CA ALA B 217 0.62 -5.52 -5.86
C ALA B 217 0.38 -4.21 -6.60
N MET B 218 1.28 -3.26 -6.46
CA MET B 218 1.13 -1.92 -6.98
C MET B 218 2.52 -1.34 -7.25
N SER B 219 2.65 -0.58 -8.33
CA SER B 219 3.96 -0.05 -8.68
C SER B 219 4.14 1.43 -8.29
N ARG B 220 3.06 2.13 -8.03
CA ARG B 220 3.09 3.51 -7.56
C ARG B 220 2.04 3.69 -6.47
N SER B 221 2.33 4.59 -5.54
CA SER B 221 1.43 4.83 -4.42
C SER B 221 1.92 6.06 -3.68
N ILE B 222 1.09 6.51 -2.75
CA ILE B 222 1.47 7.47 -1.71
C ILE B 222 1.85 6.68 -0.46
N GLY B 223 2.95 7.05 0.18
CA GLY B 223 3.40 6.32 1.37
C GLY B 223 4.34 5.17 1.02
N ASP B 224 4.11 4.00 1.61
CA ASP B 224 4.93 2.80 1.39
C ASP B 224 6.43 3.10 1.50
N ARG B 225 6.81 3.73 2.58
CA ARG B 225 8.20 4.13 2.75
C ARG B 225 9.16 2.95 2.58
N TYR B 226 8.77 1.75 3.01
CA TYR B 226 9.70 0.63 2.97
C TYR B 226 10.10 0.25 1.55
N LEU B 227 9.32 0.64 0.54
CA LEU B 227 9.57 0.24 -0.84
C LEU B 227 10.04 1.39 -1.72
N LYS B 228 10.42 2.51 -1.12
CA LYS B 228 11.16 3.51 -1.87
C LYS B 228 12.55 2.94 -2.17
N PRO B 229 13.09 3.16 -3.38
CA PRO B 229 12.59 3.95 -4.50
C PRO B 229 11.91 3.13 -5.60
N TYR B 230 11.42 1.92 -5.31
CA TYR B 230 10.78 1.13 -6.35
C TYR B 230 9.33 1.54 -6.55
N VAL B 231 8.61 1.80 -5.46
CA VAL B 231 7.22 2.25 -5.51
C VAL B 231 7.25 3.77 -5.33
N ILE B 232 6.91 4.49 -6.39
CA ILE B 232 7.12 5.93 -6.40
C ILE B 232 5.75 6.61 -6.39
N PRO B 233 5.67 7.87 -5.95
CA PRO B 233 4.39 8.60 -5.96
C PRO B 233 4.17 9.47 -7.19
N GLU B 234 5.07 9.45 -8.16
CA GLU B 234 4.89 10.28 -9.35
C GLU B 234 3.59 9.89 -10.06
N PRO B 235 2.67 10.82 -10.27
CA PRO B 235 1.40 10.46 -10.91
C PRO B 235 1.48 10.57 -12.42
N GLU B 236 0.53 9.89 -13.06
CA GLU B 236 0.20 10.15 -14.45
C GLU B 236 -0.86 11.24 -14.47
N VAL B 237 -0.62 12.31 -15.21
CA VAL B 237 -1.50 13.46 -15.23
C VAL B 237 -2.10 13.61 -16.63
N THR B 238 -3.41 13.84 -16.68
CA THR B 238 -4.17 13.96 -17.92
C THR B 238 -4.89 15.30 -17.95
N PHE B 239 -4.63 16.09 -18.98
CA PHE B 239 -5.23 17.41 -19.14
C PHE B 239 -6.18 17.33 -20.34
N MET B 240 -7.47 17.40 -20.07
CA MET B 240 -8.50 17.01 -21.03
C MET B 240 -9.46 18.18 -21.26
N PRO B 241 -9.48 18.79 -22.45
CA PRO B 241 -10.54 19.76 -22.76
C PRO B 241 -11.91 19.10 -22.68
N ARG B 242 -12.88 19.84 -22.16
CA ARG B 242 -14.23 19.31 -22.06
C ARG B 242 -14.94 19.43 -23.41
N SER B 243 -15.91 18.55 -23.62
CA SER B 243 -16.68 18.51 -24.85
C SER B 243 -18.17 18.54 -24.53
N ARG B 244 -18.96 19.11 -25.43
CA ARG B 244 -20.41 19.05 -25.24
C ARG B 244 -20.93 17.61 -25.23
N GLU B 245 -20.16 16.65 -25.74
CA GLU B 245 -20.57 15.26 -25.73
C GLU B 245 -20.27 14.55 -24.42
N ASP B 246 -19.61 15.22 -23.49
CA ASP B 246 -19.30 14.58 -22.21
C ASP B 246 -20.58 14.28 -21.45
N GLU B 247 -20.63 13.11 -20.84
CA GLU B 247 -21.79 12.67 -20.09
C GLU B 247 -21.52 12.65 -18.59
N CYS B 248 -20.45 11.99 -18.18
CA CYS B 248 -20.20 11.83 -16.77
C CYS B 248 -18.75 11.42 -16.57
N LEU B 249 -18.27 11.64 -15.36
CA LEU B 249 -16.92 11.26 -14.94
C LEU B 249 -17.05 10.44 -13.67
N ILE B 250 -16.44 9.27 -13.64
CA ILE B 250 -16.55 8.39 -12.49
C ILE B 250 -15.13 8.16 -11.94
N LEU B 251 -14.96 8.36 -10.64
CA LEU B 251 -13.72 8.01 -9.93
C LEU B 251 -14.07 6.89 -8.97
N ALA B 252 -13.27 5.83 -8.94
CA ALA B 252 -13.62 4.75 -8.01
C ALA B 252 -12.38 3.95 -7.65
N SER B 253 -12.46 3.27 -6.51
CA SER B 253 -11.44 2.31 -6.15
C SER B 253 -11.71 0.99 -6.86
N ASP B 254 -10.72 0.11 -6.82
CA ASP B 254 -10.80 -1.13 -7.57
C ASP B 254 -11.80 -2.11 -6.97
N GLY B 255 -12.35 -1.82 -5.80
CA GLY B 255 -13.52 -2.57 -5.35
C GLY B 255 -14.65 -2.54 -6.36
N LEU B 256 -14.73 -1.48 -7.15
CA LEU B 256 -15.68 -1.40 -8.26
C LEU B 256 -15.11 -2.06 -9.51
N TRP B 257 -13.91 -1.62 -9.94
CA TRP B 257 -13.41 -2.00 -11.25
C TRP B 257 -13.03 -3.47 -11.33
N ASP B 258 -12.72 -4.11 -10.20
CA ASP B 258 -12.40 -5.53 -10.23
C ASP B 258 -13.57 -6.41 -10.64
N VAL B 259 -14.82 -5.94 -10.49
CA VAL B 259 -15.98 -6.76 -10.86
C VAL B 259 -16.80 -6.17 -11.98
N MET B 260 -16.51 -4.95 -12.43
CA MET B 260 -17.32 -4.31 -13.44
C MET B 260 -16.42 -3.61 -14.44
N ASN B 261 -16.84 -3.68 -15.69
CA ASN B 261 -16.13 -3.17 -16.84
C ASN B 261 -16.30 -1.64 -16.97
N ASN B 262 -15.26 -0.96 -17.47
CA ASN B 262 -15.30 0.50 -17.61
C ASN B 262 -16.53 0.97 -18.36
N GLN B 263 -16.76 0.38 -19.53
CA GLN B 263 -17.89 0.81 -20.37
C GLN B 263 -19.21 0.57 -19.68
N GLU B 264 -19.36 -0.59 -19.02
CA GLU B 264 -20.64 -0.87 -18.37
C GLU B 264 -20.90 0.09 -17.23
N VAL B 265 -19.87 0.40 -16.43
CA VAL B 265 -20.03 1.31 -15.30
C VAL B 265 -20.54 2.67 -15.77
N CYS B 266 -19.93 3.23 -16.82
CA CYS B 266 -20.34 4.56 -17.29
C CYS B 266 -21.76 4.55 -17.84
N GLU B 267 -22.08 3.53 -18.63
CA GLU B 267 -23.42 3.44 -19.22
C GLU B 267 -24.48 3.31 -18.14
N ILE B 268 -24.19 2.52 -17.11
CA ILE B 268 -25.14 2.35 -16.01
C ILE B 268 -25.34 3.66 -15.28
N ALA B 269 -24.24 4.35 -14.98
CA ALA B 269 -24.35 5.64 -14.30
C ALA B 269 -25.22 6.59 -15.12
N ARG B 270 -24.91 6.73 -16.42
CA ARG B 270 -25.75 7.55 -17.29
C ARG B 270 -27.22 7.12 -17.26
N ARG B 271 -27.49 5.83 -17.42
CA ARG B 271 -28.88 5.37 -17.46
C ARG B 271 -29.59 5.65 -16.13
N ARG B 272 -28.88 5.50 -15.01
CA ARG B 272 -29.51 5.76 -13.71
C ARG B 272 -29.75 7.25 -13.51
N ILE B 273 -28.84 8.09 -14.00
CA ILE B 273 -29.06 9.53 -13.94
C ILE B 273 -30.29 9.92 -14.74
N LEU B 274 -30.40 9.40 -15.98
CA LEU B 274 -31.56 9.70 -16.82
C LEU B 274 -32.85 9.18 -16.21
N MET B 275 -32.83 7.96 -15.66
CA MET B 275 -34.03 7.42 -15.02
C MET B 275 -34.52 8.33 -13.91
N TRP B 276 -33.60 8.85 -13.09
CA TRP B 276 -33.99 9.72 -12.00
C TRP B 276 -34.68 10.96 -12.54
N HIS B 277 -34.09 11.56 -13.58
CA HIS B 277 -34.68 12.76 -14.16
C HIS B 277 -36.02 12.48 -14.81
N LYS B 278 -36.13 11.34 -15.50
CA LYS B 278 -37.41 10.95 -16.07
C LYS B 278 -38.49 10.89 -15.00
N LYS B 279 -38.16 10.36 -13.83
CA LYS B 279 -39.22 10.18 -12.83
C LYS B 279 -39.46 11.42 -11.98
N ASN B 280 -38.44 12.23 -11.73
CA ASN B 280 -38.56 13.29 -10.76
C ASN B 280 -38.47 14.69 -11.34
N GLY B 281 -38.02 14.83 -12.58
CA GLY B 281 -37.83 16.15 -13.15
C GLY B 281 -36.43 16.64 -12.87
N ALA B 282 -36.31 17.86 -12.36
CA ALA B 282 -35.01 18.40 -12.02
C ALA B 282 -35.12 19.25 -10.77
N PRO B 283 -34.13 19.17 -9.88
CA PRO B 283 -34.17 19.94 -8.63
C PRO B 283 -34.21 21.42 -8.92
N PRO B 284 -34.74 22.24 -8.01
CA PRO B 284 -34.77 23.69 -8.24
C PRO B 284 -33.37 24.22 -8.47
N LEU B 285 -33.26 25.12 -9.46
CA LEU B 285 -31.94 25.59 -9.88
C LEU B 285 -31.16 26.20 -8.73
N ALA B 286 -31.84 26.89 -7.81
CA ALA B 286 -31.15 27.47 -6.66
C ALA B 286 -30.57 26.39 -5.75
N GLU B 287 -31.21 25.22 -5.71
CA GLU B 287 -30.74 24.13 -4.85
C GLU B 287 -29.52 23.41 -5.43
N ARG B 288 -29.36 23.42 -6.75
CA ARG B 288 -28.34 22.59 -7.37
C ARG B 288 -26.94 23.09 -7.01
N GLY B 289 -25.99 22.15 -6.90
CA GLY B 289 -24.62 22.48 -6.57
C GLY B 289 -24.34 22.60 -5.09
N LYS B 290 -25.37 22.55 -4.24
CA LYS B 290 -25.21 22.61 -2.79
C LYS B 290 -25.46 21.20 -2.27
N GLY B 291 -24.39 20.43 -2.19
CA GLY B 291 -24.49 19.05 -1.77
C GLY B 291 -24.64 18.11 -2.94
N ILE B 292 -24.97 16.87 -2.62
CA ILE B 292 -25.02 15.86 -3.67
C ILE B 292 -26.20 16.14 -4.60
N ASP B 293 -26.04 15.73 -5.84
CA ASP B 293 -27.10 15.75 -6.82
C ASP B 293 -27.88 14.44 -6.68
N PRO B 294 -29.20 14.49 -6.47
CA PRO B 294 -29.95 13.24 -6.29
C PRO B 294 -29.78 12.23 -7.42
N ALA B 295 -29.75 12.66 -8.69
CA ALA B 295 -29.58 11.70 -9.77
C ALA B 295 -28.20 11.06 -9.73
N CYS B 296 -27.14 11.85 -9.49
CA CYS B 296 -25.80 11.25 -9.36
C CYS B 296 -25.73 10.29 -8.18
N GLN B 297 -26.39 10.63 -7.08
CA GLN B 297 -26.36 9.78 -5.89
C GLN B 297 -27.05 8.44 -6.14
N ALA B 298 -28.17 8.48 -6.87
CA ALA B 298 -28.87 7.25 -7.25
C ALA B 298 -27.96 6.36 -8.10
N ALA B 299 -27.21 6.95 -9.04
CA ALA B 299 -26.26 6.18 -9.83
C ALA B 299 -25.15 5.57 -8.97
N ALA B 300 -24.55 6.36 -8.07
CA ALA B 300 -23.49 5.83 -7.21
C ALA B 300 -24.03 4.71 -6.32
N ASP B 301 -25.21 4.91 -5.76
CA ASP B 301 -25.85 3.88 -4.94
C ASP B 301 -26.08 2.60 -5.75
N TYR B 302 -26.65 2.74 -6.95
CA TYR B 302 -26.93 1.57 -7.78
C TYR B 302 -25.65 0.82 -8.14
N LEU B 303 -24.60 1.55 -8.54
CA LEU B 303 -23.34 0.90 -8.89
C LEU B 303 -22.74 0.15 -7.71
N SER B 304 -22.83 0.73 -6.51
CA SER B 304 -22.25 0.07 -5.35
C SER B 304 -23.02 -1.20 -5.00
N MET B 305 -24.33 -1.17 -5.13
CA MET B 305 -25.12 -2.37 -4.81
C MET B 305 -24.88 -3.46 -5.85
N LEU B 306 -24.69 -3.08 -7.12
CA LEU B 306 -24.35 -4.05 -8.14
C LEU B 306 -22.98 -4.69 -7.86
N ALA B 307 -22.00 -3.87 -7.46
CA ALA B 307 -20.67 -4.40 -7.18
C ALA B 307 -20.73 -5.43 -6.04
N LEU B 308 -21.55 -5.16 -5.02
CA LEU B 308 -21.70 -6.10 -3.90
C LEU B 308 -22.44 -7.35 -4.34
N GLN B 309 -23.50 -7.18 -5.13
CA GLN B 309 -24.25 -8.32 -5.66
C GLN B 309 -23.36 -9.22 -6.49
N LYS B 310 -22.42 -8.65 -7.22
CA LYS B 310 -21.46 -9.44 -8.00
C LYS B 310 -20.38 -10.05 -7.15
N GLY B 311 -20.41 -9.84 -5.84
CA GLY B 311 -19.53 -10.53 -4.95
C GLY B 311 -18.23 -9.82 -4.70
N SER B 312 -18.17 -8.52 -4.93
CA SER B 312 -16.98 -7.81 -4.53
C SER B 312 -16.81 -7.93 -3.02
N LYS B 313 -15.64 -8.39 -2.59
CA LYS B 313 -15.34 -8.55 -1.18
C LYS B 313 -14.34 -7.49 -0.69
N ASP B 314 -14.33 -6.34 -1.34
CA ASP B 314 -13.40 -5.26 -1.05
C ASP B 314 -14.15 -4.04 -0.53
N ASN B 315 -13.38 -3.07 -0.01
CA ASN B 315 -13.90 -1.72 0.14
C ASN B 315 -14.23 -1.18 -1.25
N ILE B 316 -15.31 -0.38 -1.34
CA ILE B 316 -15.78 0.15 -2.62
C ILE B 316 -16.11 1.61 -2.43
N SER B 317 -15.43 2.49 -3.17
CA SER B 317 -15.72 3.92 -3.12
C SER B 317 -15.92 4.43 -4.53
N ILE B 318 -16.97 5.24 -4.71
CA ILE B 318 -17.40 5.67 -6.05
C ILE B 318 -17.84 7.11 -5.94
N ILE B 319 -17.31 7.97 -6.81
CA ILE B 319 -17.84 9.32 -7.03
C ILE B 319 -18.37 9.36 -8.45
N VAL B 320 -19.63 9.79 -8.62
CA VAL B 320 -20.26 9.93 -9.93
C VAL B 320 -20.49 11.43 -10.16
N ILE B 321 -19.95 11.95 -11.25
CA ILE B 321 -20.03 13.37 -11.57
C ILE B 321 -20.73 13.53 -12.91
N ASP B 322 -21.84 14.28 -12.92
CA ASP B 322 -22.62 14.51 -14.13
C ASP B 322 -22.03 15.72 -14.85
N LEU B 323 -21.57 15.54 -16.08
CA LEU B 323 -20.96 16.64 -16.83
C LEU B 323 -21.93 17.36 -17.77
N LYS B 324 -23.20 16.97 -17.79
CA LYS B 324 -24.18 17.63 -18.64
C LYS B 324 -24.82 18.80 -17.91
N ALA B 325 -24.84 19.97 -18.55
CA ALA B 325 -25.52 21.12 -17.99
C ALA B 325 -27.01 20.85 -17.80
N GLN B 326 -27.65 20.24 -18.79
CA GLN B 326 -29.07 19.97 -18.69
C GLN B 326 -29.39 18.62 -19.30
N ARG B 327 -30.45 18.01 -18.79
CA ARG B 327 -30.94 16.75 -19.31
C ARG B 327 -32.47 16.79 -19.42
N VAL C . 19.63 2.15 23.18
CA VAL C . 20.62 1.96 24.24
C VAL C . 21.43 3.22 24.40
O VAL C . 21.25 4.19 23.66
CB VAL C . 21.52 0.74 23.94
CG1 VAL C . 22.58 0.60 25.00
CG2 VAL C . 20.66 -0.54 23.85
C1 OE3 D . 3.59 -13.05 9.51
N2 OE3 D . 3.58 -13.25 5.30
C3 OE3 D . 3.80 -11.97 7.37
C4 OE3 D . 3.61 -13.19 6.71
C5 OE3 D . 3.44 -14.36 7.47
C6 OE3 D . 3.42 -14.26 8.86
C7 OE3 D . 3.29 -15.61 6.77
C11 OE3 D . 3.48 -12.02 4.50
C12 OE3 D . 3.49 -12.97 11.02
C15 OE3 D . 7.38 -14.29 7.90
C10 OE3 D . 3.16 -16.90 7.53
C13 OE3 D . 6.52 -14.48 10.12
C14 OE3 D . 6.99 -13.70 9.09
C16 OE3 D . 7.30 -15.67 7.75
C17 OE3 D . 6.85 -16.44 8.79
C18 OE3 D . 6.45 -15.86 9.99
C19 OE3 D . 4.80 -11.41 4.27
C2 OE3 D . 3.79 -11.91 8.75
C8 OE3 D . 3.32 -15.61 5.42
C9 OE3 D . 3.46 -14.45 4.61
N1 OE3 D . 4.37 -13.93 11.70
O1 OE3 D . 6.54 -14.45 12.71
O2 OE3 D . 6.20 -12.33 11.50
O3 OE3 D . 3.45 -14.45 3.38
S1 OE3 D . 5.97 -13.73 11.61
H3 OE3 D . 3.95 -11.05 6.81
H6 OE3 D . 3.28 -15.16 9.46
H11A OE3 D . 2.80 -11.31 4.98
H11B OE3 D . 2.99 -12.24 3.55
H12B OE3 D . 2.44 -13.12 11.28
H12A OE3 D . 3.71 -11.94 11.30
H15 OE3 D . 7.75 -13.68 7.08
H10A OE3 D . 2.58 -17.64 6.99
H10C OE3 D . 2.66 -16.75 8.49
H10B OE3 D . 4.13 -17.34 7.75
H14 OE3 D . 7.05 -12.62 9.19
H16 OE3 D . 7.61 -16.13 6.81
H17 OE3 D . 6.79 -17.52 8.68
H18 OE3 D . 6.09 -16.49 10.81
H19C OE3 D . 4.93 -10.51 4.88
H19A OE3 D . 4.94 -11.13 3.24
H19B OE3 D . 5.60 -12.10 4.54
H2 OE3 D . 3.94 -10.94 9.23
H8 OE3 D . 3.23 -16.54 4.86
H1 OE3 D . 3.88 -14.67 12.19
C1 GOL E . 17.44 -23.75 31.67
O1 GOL E . 18.60 -24.58 31.77
C2 GOL E . 17.22 -23.09 33.05
O2 GOL E . 17.68 -23.87 34.10
C3 GOL E . 17.98 -21.74 32.95
O3 GOL E . 17.12 -20.80 32.32
H11 GOL E . 16.65 -24.25 31.43
H12 GOL E . 17.54 -23.06 30.99
HO1 GOL E . 19.26 -24.05 31.91
H2 GOL E . 16.27 -22.96 33.21
HO2 GOL E . 18.53 -23.84 34.08
H31 GOL E . 18.81 -21.89 32.48
H32 GOL E . 18.25 -21.48 33.85
HO3 GOL E . 17.36 -20.77 31.49
MN MN F . 6.72 6.78 -1.05
MN MN G . -7.51 -1.19 0.15
MN MN H . -8.82 -1.97 -2.90
CL CL I . -28.99 0.41 -15.55
CL CL J . -10.28 -8.31 5.80
CL CL K . -34.95 6.46 -10.20
CL CL L . -2.84 2.76 9.57
CL CL M . 5.75 -10.71 -13.53
CL CL N . 4.55 25.12 -13.67
C1 GOL O . -30.76 5.23 -2.95
O1 GOL O . -32.23 5.43 -2.99
C2 GOL O . -30.06 6.58 -3.32
O2 GOL O . -30.94 7.36 -4.08
C3 GOL O . -29.58 7.21 -1.99
O3 GOL O . -28.19 6.69 -1.69
H11 GOL O . -30.46 4.95 -2.07
H12 GOL O . -30.47 4.53 -3.56
HO1 GOL O . -32.37 6.26 -2.84
H2 GOL O . -29.27 6.46 -3.88
HO2 GOL O . -30.47 7.92 -4.50
H31 GOL O . -29.61 8.17 -2.07
H32 GOL O . -30.21 6.99 -1.30
HO3 GOL O . -28.10 5.93 -2.08
C1 GOL P . 18.92 3.55 -11.04
O1 GOL P . 19.94 2.95 -10.29
C2 GOL P . 19.26 3.41 -12.56
O2 GOL P . 18.51 4.31 -13.33
C3 GOL P . 20.76 3.63 -12.65
O3 GOL P . 21.03 4.07 -13.96
H11 GOL P . 18.82 4.49 -10.83
H12 GOL P . 18.06 3.14 -10.87
HO1 GOL P . 20.02 2.15 -10.55
H2 GOL P . 19.02 2.53 -12.88
HO2 GOL P . 18.67 5.08 -13.05
H31 GOL P . 21.23 2.81 -12.41
H32 GOL P . 21.03 4.28 -11.97
HO3 GOL P . 20.28 4.08 -14.35
#